data_7TX2
#
_entry.id   7TX2
#
_cell.length_a   93.484
_cell.length_b   93.484
_cell.length_c   187.610
_cell.angle_alpha   90.000
_cell.angle_beta   90.000
_cell.angle_gamma   90.000
#
_symmetry.space_group_name_H-M   'P 43 21 2'
#
loop_
_entity.id
_entity.type
_entity.pdbx_description
1 polymer 'Phenylethanolamine N-methyltransferase'
2 non-polymer 1,2-ETHANEDIOL
3 non-polymer "5'-([(3S)-3-amino-3-carboxypropyl]{4-[(4R)-7,8-dichloro-1,2,3,4-tetrahydroisoquinolin-4-yl]butyl}amino)-5'-deoxyadenosine"
4 water water
#
_entity_poly.entity_id   1
_entity_poly.type   'polypeptide(L)'
_entity_poly.pdbx_seq_one_letter_code
;HHHHHHLVPRGSMSGADRSPNAGAAPDSAPGQAAVASAYQRFEPRAYLRNNYAPPRGDLCNPNGVGPWKLRCLAQTFATG
EVSGRTLIDIGSGPTVYQLLSACSHFEDITMTDFLEVNRQELGRWLQEEPGAFNWSMYSQHACLIEGKGECWQDKERQLR
ARVKRVLPIDVHQPQPLGAGSPAPLPADALVSAFCLEAVSPDLASFQRALDHITTLLRPGGHLLLIGALEESWYLAGEAR
LTVVPVSEEEVREALVRSGYKVRDLRTYIMPAHLQTGVDDVKGVFFAWAQKVGL
;
_entity_poly.pdbx_strand_id   A,B
#
# COMPACT_ATOMS: atom_id res chain seq x y z
N ALA A 29 -12.77 -20.44 18.49
CA ALA A 29 -12.67 -21.84 18.90
C ALA A 29 -13.19 -22.83 17.82
N PRO A 30 -14.46 -22.71 17.39
CA PRO A 30 -14.97 -23.66 16.38
C PRO A 30 -14.32 -23.47 15.02
N GLY A 31 -13.99 -22.22 14.66
CA GLY A 31 -13.43 -21.97 13.35
C GLY A 31 -12.02 -22.51 13.19
N GLN A 32 -11.20 -22.42 14.24
CA GLN A 32 -9.83 -22.93 14.19
C GLN A 32 -9.77 -24.44 13.92
N ALA A 33 -10.85 -25.17 14.19
CA ALA A 33 -10.89 -26.61 13.95
C ALA A 33 -11.26 -26.94 12.51
N ALA A 34 -12.07 -26.10 11.85
CA ALA A 34 -12.41 -26.32 10.44
C ALA A 34 -11.22 -26.01 9.52
N VAL A 35 -10.43 -24.98 9.87
CA VAL A 35 -9.17 -24.73 9.18
C VAL A 35 -8.29 -25.98 9.22
N ALA A 36 -8.17 -26.61 10.40
CA ALA A 36 -7.24 -27.71 10.57
C ALA A 36 -7.55 -28.86 9.62
N SER A 37 -8.85 -29.19 9.43
CA SER A 37 -9.21 -30.32 8.60
C SER A 37 -9.31 -29.99 7.12
N ALA A 38 -9.59 -28.74 6.76
CA ALA A 38 -9.44 -28.34 5.36
C ALA A 38 -7.99 -28.55 4.90
N TYR A 39 -7.03 -28.20 5.76
CA TYR A 39 -5.63 -28.36 5.43
C TYR A 39 -5.21 -29.82 5.36
N GLN A 40 -6.11 -30.77 5.60
CA GLN A 40 -5.71 -32.17 5.55
C GLN A 40 -5.55 -32.65 4.12
N ARG A 41 -6.28 -32.05 3.17
CA ARG A 41 -6.19 -32.47 1.77
C ARG A 41 -5.37 -31.50 0.92
N PHE A 42 -4.61 -30.63 1.58
CA PHE A 42 -3.58 -29.77 0.99
C PHE A 42 -2.54 -30.57 0.22
N GLU A 43 -2.51 -30.45 -1.12
CA GLU A 43 -1.51 -31.12 -1.97
C GLU A 43 -0.33 -30.19 -2.25
N PRO A 44 0.81 -30.33 -1.56
CA PRO A 44 1.93 -29.39 -1.78
C PRO A 44 2.35 -29.22 -3.23
N ARG A 45 2.47 -30.29 -4.02
CA ARG A 45 2.89 -30.10 -5.41
C ARG A 45 1.86 -29.30 -6.20
N ALA A 46 0.58 -29.38 -5.83
CA ALA A 46 -0.40 -28.54 -6.49
C ALA A 46 -0.25 -27.10 -6.06
N TYR A 47 0.04 -26.88 -4.78
CA TYR A 47 0.27 -25.52 -4.30
C TYR A 47 1.47 -24.88 -5.02
N LEU A 48 2.62 -25.56 -5.03
CA LEU A 48 3.82 -25.07 -5.68
C LEU A 48 3.55 -24.71 -7.15
N ARG A 49 2.73 -25.52 -7.81
CA ARG A 49 2.41 -25.28 -9.22
C ARG A 49 1.58 -24.01 -9.42
N ASN A 50 0.57 -23.78 -8.57
CA ASN A 50 -0.36 -22.66 -8.73
C ASN A 50 0.31 -21.31 -8.46
N ASN A 51 1.35 -21.27 -7.63
CA ASN A 51 1.94 -20.01 -7.15
C ASN A 51 3.41 -19.81 -7.45
N TYR A 52 4.16 -20.86 -7.82
CA TYR A 52 5.59 -20.75 -8.01
C TYR A 52 6.05 -21.40 -9.32
N ALA A 53 5.12 -21.65 -10.23
CA ALA A 53 5.39 -21.96 -11.62
C ALA A 53 4.80 -20.85 -12.47
N PRO A 54 5.14 -20.77 -13.76
CA PRO A 54 4.57 -19.72 -14.59
C PRO A 54 3.05 -19.75 -14.52
N PRO A 55 2.40 -18.58 -14.62
CA PRO A 55 2.90 -17.19 -14.71
C PRO A 55 3.42 -16.56 -13.41
N ARG A 56 2.80 -16.81 -12.25
CA ARG A 56 3.26 -16.20 -11.01
C ARG A 56 4.71 -16.54 -10.68
N GLY A 57 5.18 -17.71 -11.11
CA GLY A 57 6.55 -18.14 -10.85
C GLY A 57 7.55 -17.83 -11.95
N ASP A 58 7.12 -17.14 -13.00
CA ASP A 58 8.04 -16.61 -14.01
C ASP A 58 8.61 -15.29 -13.47
N LEU A 59 9.92 -15.27 -13.22
CA LEU A 59 10.55 -14.11 -12.62
C LEU A 59 11.12 -13.14 -13.65
N CYS A 60 10.86 -13.35 -14.94
CA CYS A 60 11.48 -12.51 -15.96
C CYS A 60 10.84 -11.13 -16.01
N ASN A 61 9.52 -11.05 -15.86
CA ASN A 61 8.87 -9.76 -15.84
C ASN A 61 9.07 -9.10 -14.48
N PRO A 62 9.77 -7.97 -14.40
CA PRO A 62 10.08 -7.36 -13.10
C PRO A 62 8.87 -6.77 -12.40
N ASN A 63 7.72 -6.65 -13.07
CA ASN A 63 6.51 -6.15 -12.45
C ASN A 63 5.65 -7.27 -11.91
N GLY A 64 6.17 -8.49 -11.87
CA GLY A 64 5.40 -9.62 -11.35
C GLY A 64 5.42 -9.69 -9.84
N VAL A 65 4.66 -10.66 -9.32
CA VAL A 65 4.58 -10.83 -7.88
C VAL A 65 5.88 -11.42 -7.34
N GLY A 66 6.49 -12.37 -8.05
CA GLY A 66 7.75 -12.95 -7.63
C GLY A 66 8.84 -11.92 -7.37
N PRO A 67 9.24 -11.18 -8.42
CA PRO A 67 10.24 -10.11 -8.22
C PRO A 67 9.89 -9.11 -7.12
N TRP A 68 8.62 -8.77 -6.97
CA TRP A 68 8.26 -7.78 -5.95
C TRP A 68 8.52 -8.32 -4.54
N LYS A 69 8.16 -9.58 -4.29
CA LYS A 69 8.38 -10.13 -2.95
C LYS A 69 9.86 -10.16 -2.61
N LEU A 70 10.67 -10.75 -3.50
CA LEU A 70 12.12 -10.83 -3.29
C LEU A 70 12.75 -9.46 -3.11
N ARG A 71 12.28 -8.46 -3.88
CA ARG A 71 12.86 -7.12 -3.71
C ARG A 71 12.55 -6.60 -2.31
N CYS A 72 11.31 -6.75 -1.86
CA CYS A 72 10.96 -6.33 -0.50
C CYS A 72 11.92 -6.95 0.51
N LEU A 73 12.14 -8.26 0.44
N LEU A 73 12.14 -8.26 0.44
CA LEU A 73 12.98 -8.93 1.42
CA LEU A 73 12.98 -8.93 1.42
C LEU A 73 14.42 -8.45 1.32
N ALA A 74 14.94 -8.31 0.09
CA ALA A 74 16.33 -7.92 -0.11
C ALA A 74 16.60 -6.47 0.31
N GLN A 75 15.78 -5.52 -0.14
CA GLN A 75 15.90 -4.14 0.35
C GLN A 75 15.95 -4.08 1.87
N THR A 76 15.14 -4.92 2.53
CA THR A 76 15.02 -4.80 3.99
C THR A 76 16.27 -5.32 4.69
N PHE A 77 16.89 -6.38 4.15
CA PHE A 77 18.11 -6.91 4.75
C PHE A 77 19.33 -6.07 4.35
N ALA A 78 19.32 -5.52 3.14
CA ALA A 78 20.42 -4.67 2.68
C ALA A 78 20.59 -3.42 3.51
N THR A 79 19.58 -3.03 4.30
CA THR A 79 19.72 -1.92 5.23
C THR A 79 20.70 -2.22 6.37
N GLY A 80 20.91 -3.50 6.69
CA GLY A 80 21.76 -3.89 7.79
C GLY A 80 21.08 -3.94 9.13
N GLU A 81 19.90 -3.35 9.27
CA GLU A 81 19.22 -3.19 10.55
C GLU A 81 18.50 -4.44 11.01
N VAL A 82 18.52 -5.52 10.23
CA VAL A 82 17.88 -6.77 10.60
C VAL A 82 18.96 -7.84 10.57
N SER A 83 19.34 -8.32 11.74
CA SER A 83 20.45 -9.25 11.90
C SER A 83 20.37 -9.85 13.30
N GLY A 84 21.22 -10.84 13.53
CA GLY A 84 21.21 -11.63 14.75
C GLY A 84 21.82 -12.98 14.46
N ARG A 85 21.61 -13.92 15.37
CA ARG A 85 22.11 -15.26 15.08
C ARG A 85 21.02 -16.29 14.86
N THR A 86 19.81 -16.05 15.32
CA THR A 86 18.74 -17.03 15.18
C THR A 86 17.53 -16.38 14.51
N LEU A 87 16.89 -17.16 13.64
CA LEU A 87 15.72 -16.74 12.89
C LEU A 87 14.76 -17.90 12.80
N ILE A 88 13.46 -17.61 12.89
CA ILE A 88 12.41 -18.60 12.78
C ILE A 88 11.46 -18.19 11.66
N ASP A 89 11.11 -19.15 10.80
CA ASP A 89 10.21 -18.92 9.67
C ASP A 89 8.86 -19.57 9.97
N ILE A 90 7.86 -18.75 10.28
CA ILE A 90 6.52 -19.22 10.61
C ILE A 90 5.77 -19.64 9.35
N GLY A 91 5.35 -20.91 9.28
CA GLY A 91 4.46 -21.36 8.23
C GLY A 91 5.09 -21.43 6.85
N SER A 92 6.29 -22.03 6.78
CA SER A 92 7.07 -22.03 5.55
C SER A 92 6.35 -22.70 4.39
N GLY A 93 5.43 -23.61 4.66
CA GLY A 93 4.93 -24.49 3.63
C GLY A 93 6.05 -25.25 2.97
N PRO A 94 5.94 -25.50 1.67
CA PRO A 94 7.04 -26.12 0.94
C PRO A 94 7.90 -25.10 0.19
N THR A 95 8.06 -23.89 0.74
CA THR A 95 8.73 -22.82 0.00
C THR A 95 9.95 -22.33 0.76
N VAL A 96 10.99 -21.95 0.01
CA VAL A 96 12.23 -21.46 0.61
C VAL A 96 12.62 -20.04 0.19
N TYR A 97 11.93 -19.44 -0.80
CA TYR A 97 12.32 -18.13 -1.34
C TYR A 97 12.32 -17.03 -0.28
N GLN A 98 11.55 -17.19 0.79
CA GLN A 98 11.45 -16.09 1.74
C GLN A 98 12.65 -16.03 2.66
N LEU A 99 13.57 -16.99 2.56
CA LEU A 99 14.79 -16.92 3.34
C LEU A 99 16.03 -16.69 2.48
N LEU A 100 15.88 -16.45 1.17
CA LEU A 100 17.05 -16.35 0.29
C LEU A 100 17.91 -15.16 0.66
N SER A 101 17.30 -14.03 0.93
CA SER A 101 18.07 -12.90 1.41
C SER A 101 18.30 -13.01 2.91
N ALA A 102 17.36 -13.62 3.63
CA ALA A 102 17.51 -13.73 5.08
C ALA A 102 18.82 -14.44 5.45
N CYS A 103 19.14 -15.54 4.75
CA CYS A 103 20.14 -16.45 5.28
C CYS A 103 21.55 -15.87 5.28
N SER A 104 21.81 -14.76 4.58
CA SER A 104 23.11 -14.11 4.67
C SER A 104 23.34 -13.43 6.02
N HIS A 105 22.31 -13.34 6.86
CA HIS A 105 22.35 -12.53 8.08
C HIS A 105 22.12 -13.30 9.38
N PHE A 106 21.80 -14.60 9.31
CA PHE A 106 21.45 -15.43 10.45
C PHE A 106 22.03 -16.83 10.26
N GLU A 107 22.65 -17.38 11.31
CA GLU A 107 23.35 -18.66 11.16
C GLU A 107 22.57 -19.87 11.64
N ASP A 108 21.63 -19.71 12.57
CA ASP A 108 20.68 -20.76 12.96
C ASP A 108 19.31 -20.31 12.48
N ILE A 109 18.80 -20.96 11.45
CA ILE A 109 17.48 -20.67 10.92
C ILE A 109 16.60 -21.88 11.16
N THR A 110 15.42 -21.62 11.71
CA THR A 110 14.42 -22.64 11.98
C THR A 110 13.24 -22.44 11.02
N MET A 111 12.92 -23.49 10.27
CA MET A 111 11.74 -23.49 9.42
C MET A 111 10.66 -24.38 10.05
N THR A 112 9.40 -23.98 9.88
CA THR A 112 8.28 -24.56 10.60
C THR A 112 7.06 -24.70 9.70
N ASP A 113 6.29 -25.79 9.88
CA ASP A 113 4.98 -25.87 9.24
C ASP A 113 4.05 -26.81 10.00
N PHE A 114 2.75 -26.53 9.88
CA PHE A 114 1.71 -27.34 10.53
C PHE A 114 1.66 -28.75 9.95
N LEU A 115 1.88 -28.89 8.64
CA LEU A 115 1.72 -30.16 7.93
C LEU A 115 3.05 -30.89 7.73
N GLU A 116 3.04 -32.21 7.97
CA GLU A 116 4.24 -33.02 7.75
C GLU A 116 4.51 -33.24 6.26
N VAL A 117 3.47 -33.24 5.43
CA VAL A 117 3.66 -33.38 3.98
C VAL A 117 4.44 -32.20 3.42
N ASN A 118 4.34 -31.02 4.06
CA ASN A 118 5.13 -29.88 3.64
C ASN A 118 6.55 -29.94 4.20
N ARG A 119 6.69 -30.34 5.48
CA ARG A 119 8.03 -30.49 6.04
C ARG A 119 8.82 -31.57 5.34
N GLN A 120 8.14 -32.59 4.81
CA GLN A 120 8.85 -33.61 4.02
C GLN A 120 9.14 -33.11 2.61
N GLU A 121 8.36 -32.17 2.10
CA GLU A 121 8.75 -31.44 0.91
C GLU A 121 9.94 -30.52 1.20
N LEU A 122 9.90 -29.80 2.33
CA LEU A 122 11.06 -29.00 2.74
C LEU A 122 12.28 -29.87 2.96
N GLY A 123 12.08 -31.07 3.52
CA GLY A 123 13.20 -31.96 3.73
C GLY A 123 13.90 -32.32 2.44
N ARG A 124 13.12 -32.59 1.38
CA ARG A 124 13.71 -33.07 0.14
C ARG A 124 14.50 -31.99 -0.58
N TRP A 125 14.19 -30.73 -0.37
CA TRP A 125 15.01 -29.70 -0.98
C TRP A 125 16.23 -29.36 -0.11
N LEU A 126 16.07 -29.36 1.22
CA LEU A 126 17.24 -29.11 2.06
C LEU A 126 18.28 -30.22 1.92
N GLN A 127 17.84 -31.47 1.75
CA GLN A 127 18.74 -32.62 1.64
C GLN A 127 18.99 -33.06 0.19
N GLU A 128 18.39 -32.36 -0.79
CA GLU A 128 18.67 -32.55 -2.22
C GLU A 128 18.28 -33.94 -2.74
N GLU A 129 17.17 -34.47 -2.22
CA GLU A 129 16.63 -35.75 -2.69
C GLU A 129 16.02 -35.59 -4.09
N PRO A 130 15.65 -36.71 -4.75
CA PRO A 130 15.00 -36.57 -6.05
C PRO A 130 13.56 -36.10 -5.88
N GLY A 131 13.06 -35.46 -6.93
CA GLY A 131 11.76 -34.84 -6.89
C GLY A 131 11.67 -33.59 -6.02
N ALA A 132 12.77 -33.08 -5.49
CA ALA A 132 12.71 -31.79 -4.82
C ALA A 132 12.28 -30.71 -5.81
N PHE A 133 11.68 -29.64 -5.29
CA PHE A 133 11.24 -28.53 -6.14
C PHE A 133 12.44 -27.71 -6.59
N ASN A 134 12.41 -27.26 -7.85
CA ASN A 134 13.51 -26.50 -8.44
C ASN A 134 13.31 -25.04 -8.07
N TRP A 135 14.08 -24.54 -7.11
CA TRP A 135 13.94 -23.16 -6.67
C TRP A 135 14.93 -22.23 -7.33
N SER A 136 15.68 -22.72 -8.31
CA SER A 136 16.87 -22.00 -8.77
C SER A 136 16.54 -20.70 -9.51
N MET A 137 15.36 -20.58 -10.15
CA MET A 137 14.95 -19.28 -10.68
C MET A 137 14.90 -18.21 -9.60
N TYR A 138 14.48 -18.60 -8.38
CA TYR A 138 14.38 -17.67 -7.26
C TYR A 138 15.75 -17.40 -6.62
N SER A 139 16.61 -18.42 -6.51
CA SER A 139 17.98 -18.16 -6.05
C SER A 139 18.71 -17.24 -7.03
N GLN A 140 18.58 -17.54 -8.33
CA GLN A 140 19.13 -16.67 -9.37
C GLN A 140 18.64 -15.24 -9.20
N HIS A 141 17.32 -15.06 -9.07
CA HIS A 141 16.79 -13.70 -9.04
C HIS A 141 17.15 -12.98 -7.75
N ALA A 142 17.23 -13.70 -6.62
CA ALA A 142 17.71 -13.05 -5.41
C ALA A 142 19.18 -12.60 -5.55
N CYS A 143 20.02 -13.42 -6.19
CA CYS A 143 21.42 -13.02 -6.33
C CYS A 143 21.56 -11.80 -7.21
N LEU A 144 20.71 -11.70 -8.23
CA LEU A 144 20.77 -10.60 -9.17
C LEU A 144 20.40 -9.28 -8.52
N ILE A 145 19.40 -9.26 -7.66
CA ILE A 145 18.97 -7.97 -7.12
C ILE A 145 19.74 -7.61 -5.85
N GLU A 146 20.27 -8.61 -5.12
CA GLU A 146 21.21 -8.31 -4.05
C GLU A 146 22.45 -7.62 -4.60
N GLY A 147 22.92 -8.05 -5.76
CA GLY A 147 23.95 -7.32 -6.46
C GLY A 147 25.34 -7.44 -5.87
N LYS A 148 25.59 -8.43 -5.01
CA LYS A 148 26.92 -8.71 -4.47
C LYS A 148 27.74 -9.69 -5.32
N GLY A 149 27.32 -9.98 -6.55
CA GLY A 149 28.08 -10.89 -7.39
C GLY A 149 28.03 -12.35 -7.02
N GLU A 150 27.06 -12.78 -6.22
CA GLU A 150 27.03 -14.15 -5.72
C GLU A 150 26.39 -15.08 -6.76
N CYS A 151 27.02 -16.21 -7.04
CA CYS A 151 26.34 -17.18 -7.90
C CYS A 151 25.24 -17.87 -7.11
N TRP A 152 24.31 -18.50 -7.83
CA TRP A 152 23.13 -18.98 -7.15
C TRP A 152 23.38 -20.29 -6.38
N GLN A 153 24.30 -21.13 -6.88
CA GLN A 153 24.66 -22.35 -6.15
C GLN A 153 25.24 -22.03 -4.77
N ASP A 154 25.98 -20.92 -4.64
CA ASP A 154 26.47 -20.54 -3.32
C ASP A 154 25.34 -20.04 -2.45
N LYS A 155 24.35 -19.39 -3.06
CA LYS A 155 23.20 -18.93 -2.29
C LYS A 155 22.41 -20.12 -1.76
N GLU A 156 22.18 -21.13 -2.62
CA GLU A 156 21.39 -22.28 -2.21
C GLU A 156 22.14 -23.09 -1.15
N ARG A 157 23.44 -23.26 -1.33
CA ARG A 157 24.22 -24.03 -0.38
C ARG A 157 24.34 -23.32 0.95
N GLN A 158 24.38 -21.99 0.95
CA GLN A 158 24.40 -21.27 2.23
C GLN A 158 23.08 -21.42 2.97
N LEU A 159 21.95 -21.52 2.24
CA LEU A 159 20.66 -21.65 2.93
C LEU A 159 20.52 -23.03 3.54
N ARG A 160 20.89 -24.08 2.79
CA ARG A 160 20.89 -25.44 3.32
C ARG A 160 21.82 -25.53 4.53
N ALA A 161 22.95 -24.84 4.48
CA ALA A 161 23.93 -24.91 5.57
C ALA A 161 23.35 -24.32 6.85
N ARG A 162 22.60 -23.24 6.74
CA ARG A 162 22.14 -22.49 7.92
C ARG A 162 20.77 -22.89 8.42
N VAL A 163 20.07 -23.80 7.74
CA VAL A 163 18.74 -24.20 8.15
C VAL A 163 18.93 -25.49 8.94
N LYS A 164 18.83 -25.36 10.26
CA LYS A 164 19.23 -26.44 11.15
C LYS A 164 18.14 -27.49 11.30
N ARG A 165 16.88 -27.07 11.46
CA ARG A 165 15.82 -28.03 11.70
C ARG A 165 14.53 -27.55 11.06
N VAL A 166 13.63 -28.51 10.83
CA VAL A 166 12.29 -28.28 10.26
C VAL A 166 11.25 -28.85 11.23
N LEU A 167 10.63 -27.94 12.11
CA LEU A 167 9.75 -28.23 13.24
C LEU A 167 8.27 -28.04 12.90
N PRO A 168 7.40 -28.82 13.56
CA PRO A 168 5.97 -28.50 13.52
C PRO A 168 5.69 -27.22 14.28
N ILE A 169 4.50 -26.68 14.03
CA ILE A 169 4.08 -25.41 14.61
C ILE A 169 2.57 -25.31 14.46
N ASP A 170 1.93 -24.58 15.38
CA ASP A 170 0.51 -24.24 15.29
C ASP A 170 0.38 -22.85 15.87
N VAL A 171 0.12 -21.86 15.01
CA VAL A 171 0.11 -20.46 15.44
C VAL A 171 -1.08 -20.14 16.36
N HIS A 172 -2.03 -21.05 16.47
CA HIS A 172 -3.18 -20.81 17.35
C HIS A 172 -2.86 -21.12 18.81
N GLN A 173 -1.91 -22.02 19.08
CA GLN A 173 -1.51 -22.32 20.45
C GLN A 173 -0.76 -21.12 21.05
N PRO A 174 -1.04 -20.77 22.31
CA PRO A 174 -0.33 -19.63 22.93
C PRO A 174 1.16 -19.85 23.05
N GLN A 175 1.61 -21.10 23.00
CA GLN A 175 3.01 -21.43 22.73
C GLN A 175 3.03 -22.29 21.47
N PRO A 176 3.53 -21.76 20.36
CA PRO A 176 3.26 -22.37 19.05
C PRO A 176 4.12 -23.57 18.68
N LEU A 177 5.22 -23.85 19.40
CA LEU A 177 6.15 -24.91 19.00
C LEU A 177 6.27 -26.05 20.02
N GLY A 178 5.31 -26.17 20.96
CA GLY A 178 5.41 -27.15 22.01
C GLY A 178 6.22 -26.68 23.20
N ALA A 179 6.11 -27.42 24.30
CA ALA A 179 6.62 -26.96 25.60
C ALA A 179 8.11 -26.63 25.55
N GLY A 180 8.94 -27.58 25.09
CA GLY A 180 10.38 -27.39 25.06
C GLY A 180 10.98 -27.74 23.72
N SER A 181 10.67 -26.93 22.70
CA SER A 181 11.06 -27.27 21.34
C SER A 181 12.57 -27.15 21.16
N PRO A 182 13.14 -27.91 20.21
CA PRO A 182 14.57 -27.78 19.93
C PRO A 182 15.00 -26.38 19.45
N ALA A 183 14.04 -25.47 19.20
CA ALA A 183 14.36 -24.15 18.65
C ALA A 183 14.90 -23.22 19.74
N PRO A 184 15.98 -22.46 19.44
CA PRO A 184 16.56 -21.56 20.45
C PRO A 184 15.77 -20.28 20.61
N LEU A 185 14.82 -20.30 21.49
CA LEU A 185 14.03 -19.10 21.76
C LEU A 185 14.72 -18.26 22.83
N PRO A 186 14.49 -16.93 22.84
CA PRO A 186 13.71 -16.19 21.86
C PRO A 186 14.53 -15.84 20.60
N ALA A 187 13.96 -16.07 19.42
CA ALA A 187 14.63 -15.76 18.17
C ALA A 187 14.88 -14.26 18.03
N ASP A 188 15.87 -13.92 17.22
CA ASP A 188 16.16 -12.52 16.94
C ASP A 188 15.23 -11.93 15.88
N ALA A 189 14.66 -12.76 15.02
CA ALA A 189 13.72 -12.26 14.01
C ALA A 189 12.81 -13.39 13.53
N LEU A 190 11.59 -13.01 13.18
CA LEU A 190 10.63 -13.87 12.51
C LEU A 190 10.47 -13.47 11.05
N VAL A 191 10.33 -14.46 10.18
CA VAL A 191 9.79 -14.27 8.84
C VAL A 191 8.50 -15.09 8.77
N SER A 192 7.46 -14.53 8.17
CA SER A 192 6.23 -15.30 7.96
C SER A 192 5.57 -14.82 6.68
N ALA A 193 5.45 -15.70 5.70
CA ALA A 193 4.87 -15.34 4.41
C ALA A 193 3.60 -16.15 4.21
N PHE A 194 2.47 -15.45 4.14
CA PHE A 194 1.18 -15.99 3.71
C PHE A 194 0.59 -16.96 4.71
N CYS A 195 0.96 -16.83 5.97
CA CYS A 195 0.54 -17.84 6.93
C CYS A 195 -0.74 -17.43 7.66
N LEU A 196 -0.65 -16.36 8.45
CA LEU A 196 -1.66 -16.01 9.44
C LEU A 196 -3.04 -15.83 8.81
N GLU A 197 -3.15 -14.97 7.80
CA GLU A 197 -4.45 -14.77 7.14
C GLU A 197 -4.94 -16.04 6.47
N ALA A 198 -4.03 -16.94 6.09
CA ALA A 198 -4.44 -18.17 5.43
C ALA A 198 -4.88 -19.26 6.39
N VAL A 199 -4.67 -19.09 7.69
CA VAL A 199 -4.97 -20.13 8.67
C VAL A 199 -5.99 -19.67 9.72
N SER A 200 -6.50 -18.45 9.61
CA SER A 200 -7.35 -17.84 10.60
C SER A 200 -8.76 -17.66 10.05
N PRO A 201 -9.80 -18.11 10.77
CA PRO A 201 -11.18 -17.94 10.27
C PRO A 201 -11.66 -16.49 10.20
N ASP A 202 -11.12 -15.57 11.01
CA ASP A 202 -11.63 -14.19 11.03
C ASP A 202 -10.55 -13.26 11.57
N LEU A 203 -10.87 -11.95 11.58
CA LEU A 203 -9.92 -10.93 12.00
C LEU A 203 -9.42 -11.16 13.42
N ALA A 204 -10.23 -11.80 14.28
CA ALA A 204 -9.88 -11.94 15.69
C ALA A 204 -8.86 -13.06 15.90
N SER A 205 -9.09 -14.24 15.30
CA SER A 205 -8.10 -15.31 15.41
C SER A 205 -6.80 -14.98 14.68
N PHE A 206 -6.85 -14.10 13.69
CA PHE A 206 -5.62 -13.63 13.04
C PHE A 206 -4.81 -12.77 13.99
N GLN A 207 -5.49 -11.90 14.74
CA GLN A 207 -4.82 -11.07 15.74
C GLN A 207 -4.21 -11.92 16.85
N ARG A 208 -4.92 -12.99 17.25
CA ARG A 208 -4.39 -13.87 18.28
C ARG A 208 -3.15 -14.59 17.80
N ALA A 209 -3.21 -15.14 16.58
CA ALA A 209 -2.03 -15.76 15.99
C ALA A 209 -0.84 -14.81 15.98
N LEU A 210 -1.06 -13.54 15.64
CA LEU A 210 0.05 -12.58 15.67
C LEU A 210 0.59 -12.41 17.09
N ASP A 211 -0.31 -12.25 18.07
CA ASP A 211 0.09 -12.23 19.48
C ASP A 211 0.92 -13.45 19.84
N HIS A 212 0.50 -14.63 19.38
CA HIS A 212 1.21 -15.87 19.71
C HIS A 212 2.60 -15.94 19.06
N ILE A 213 2.74 -15.56 17.78
CA ILE A 213 4.08 -15.57 17.18
C ILE A 213 4.98 -14.56 17.88
N THR A 214 4.42 -13.44 18.34
CA THR A 214 5.24 -12.36 18.88
C THR A 214 5.96 -12.76 20.16
N THR A 215 5.41 -13.72 20.91
CA THR A 215 6.08 -14.21 22.11
C THR A 215 7.36 -14.96 21.78
N LEU A 216 7.49 -15.43 20.53
CA LEU A 216 8.69 -16.06 20.01
C LEU A 216 9.81 -15.07 19.71
N LEU A 217 9.54 -13.77 19.81
CA LEU A 217 10.46 -12.74 19.36
C LEU A 217 11.09 -12.02 20.55
N ARG A 218 12.42 -12.01 20.58
CA ARG A 218 13.19 -11.17 21.47
C ARG A 218 12.77 -9.71 21.30
N PRO A 219 12.37 -9.02 22.38
CA PRO A 219 12.07 -7.58 22.25
C PRO A 219 13.19 -6.82 21.54
N GLY A 220 12.79 -5.84 20.73
CA GLY A 220 13.71 -5.19 19.81
C GLY A 220 13.97 -5.95 18.53
N GLY A 221 13.54 -7.23 18.44
CA GLY A 221 13.72 -8.03 17.25
C GLY A 221 12.70 -7.70 16.17
N HIS A 222 12.95 -8.21 14.97
CA HIS A 222 12.22 -7.77 13.80
C HIS A 222 11.28 -8.86 13.30
N LEU A 223 10.09 -8.43 12.85
CA LEU A 223 9.16 -9.27 12.10
C LEU A 223 9.17 -8.84 10.64
N LEU A 224 9.30 -9.82 9.74
CA LEU A 224 9.10 -9.63 8.31
C LEU A 224 7.90 -10.47 7.90
N LEU A 225 6.82 -9.81 7.52
CA LEU A 225 5.54 -10.48 7.29
C LEU A 225 5.04 -10.15 5.89
N ILE A 226 4.81 -11.19 5.09
CA ILE A 226 4.22 -11.09 3.76
C ILE A 226 2.87 -11.79 3.82
N GLY A 227 1.87 -11.19 3.17
CA GLY A 227 0.56 -11.84 3.15
C GLY A 227 -0.32 -11.34 2.03
N ALA A 228 -1.42 -12.05 1.83
CA ALA A 228 -2.41 -11.72 0.81
C ALA A 228 -3.39 -10.65 1.31
N LEU A 229 -3.73 -9.70 0.42
CA LEU A 229 -4.68 -8.63 0.72
C LEU A 229 -6.03 -8.96 0.11
N GLU A 230 -7.08 -8.96 0.94
CA GLU A 230 -8.47 -9.06 0.49
C GLU A 230 -8.75 -10.39 -0.22
N GLU A 231 -8.18 -11.48 0.29
CA GLU A 231 -8.38 -12.82 -0.28
C GLU A 231 -9.26 -13.64 0.66
N SER A 232 -10.14 -14.44 0.08
CA SER A 232 -11.05 -15.27 0.87
C SER A 232 -10.93 -16.76 0.61
N TRP A 233 -10.26 -17.19 -0.46
CA TRP A 233 -10.06 -18.61 -0.70
C TRP A 233 -8.90 -18.83 -1.67
N TYR A 234 -8.21 -19.97 -1.52
CA TYR A 234 -7.25 -20.41 -2.53
C TYR A 234 -7.23 -21.94 -2.57
N LEU A 235 -6.76 -22.46 -3.69
CA LEU A 235 -6.79 -23.89 -3.99
C LEU A 235 -5.42 -24.49 -3.85
N ALA A 236 -5.37 -25.70 -3.29
CA ALA A 236 -4.13 -26.46 -3.15
C ALA A 236 -4.45 -27.92 -3.48
N GLY A 237 -4.76 -28.16 -4.75
CA GLY A 237 -5.09 -29.49 -5.19
C GLY A 237 -6.54 -29.81 -4.90
N GLU A 238 -6.78 -30.74 -3.97
CA GLU A 238 -8.14 -31.04 -3.57
C GLU A 238 -8.58 -30.18 -2.40
N ALA A 239 -7.65 -29.56 -1.69
CA ALA A 239 -8.01 -28.64 -0.61
C ALA A 239 -8.52 -27.33 -1.18
N ARG A 240 -9.67 -26.90 -0.69
CA ARG A 240 -10.23 -25.58 -0.96
C ARG A 240 -10.23 -24.85 0.38
N LEU A 241 -9.21 -24.01 0.59
CA LEU A 241 -9.01 -23.30 1.85
C LEU A 241 -9.81 -22.00 1.85
N THR A 242 -10.40 -21.66 2.99
CA THR A 242 -11.02 -20.35 3.15
C THR A 242 -10.10 -19.47 4.00
N VAL A 243 -10.07 -18.18 3.67
CA VAL A 243 -9.06 -17.24 4.14
C VAL A 243 -9.79 -15.98 4.59
N VAL A 244 -9.26 -15.29 5.61
CA VAL A 244 -9.86 -14.03 6.06
C VAL A 244 -9.35 -12.86 5.23
N PRO A 245 -10.23 -12.16 4.51
CA PRO A 245 -9.79 -11.00 3.73
C PRO A 245 -9.32 -9.86 4.60
N VAL A 246 -8.01 -9.61 4.63
CA VAL A 246 -7.40 -8.54 5.39
C VAL A 246 -6.99 -7.42 4.44
N SER A 247 -7.05 -6.19 4.94
CA SER A 247 -6.65 -4.98 4.25
C SER A 247 -5.32 -4.50 4.81
N GLU A 248 -4.69 -3.56 4.09
CA GLU A 248 -3.43 -2.98 4.58
C GLU A 248 -3.64 -2.23 5.90
N GLU A 249 -4.73 -1.47 6.01
CA GLU A 249 -5.02 -0.76 7.26
C GLU A 249 -5.24 -1.74 8.43
N GLU A 250 -6.02 -2.82 8.20
CA GLU A 250 -6.21 -3.83 9.25
C GLU A 250 -4.87 -4.48 9.64
N VAL A 251 -3.96 -4.64 8.67
CA VAL A 251 -2.67 -5.26 8.96
C VAL A 251 -1.84 -4.34 9.85
N ARG A 252 -1.80 -3.03 9.53
CA ARG A 252 -1.06 -2.10 10.38
C ARG A 252 -1.61 -2.07 11.80
N GLU A 253 -2.93 -1.90 11.98
CA GLU A 253 -3.50 -1.88 13.34
C GLU A 253 -3.15 -3.17 14.09
N ALA A 254 -3.13 -4.29 13.38
CA ALA A 254 -2.86 -5.55 14.08
C ALA A 254 -1.42 -5.66 14.56
N LEU A 255 -0.48 -5.05 13.82
CA LEU A 255 0.93 -5.07 14.23
C LEU A 255 1.16 -4.19 15.45
N VAL A 256 0.44 -3.07 15.59
CA VAL A 256 0.60 -2.22 16.77
C VAL A 256 -0.09 -2.85 17.96
N ARG A 257 -1.34 -3.32 17.78
CA ARG A 257 -2.10 -4.00 18.83
C ARG A 257 -1.36 -5.22 19.40
N SER A 258 -0.31 -5.67 18.73
CA SER A 258 0.57 -6.72 19.23
C SER A 258 1.92 -6.20 19.68
N GLY A 259 2.12 -4.88 19.65
CA GLY A 259 3.32 -4.28 20.19
C GLY A 259 4.49 -4.11 19.24
N TYR A 260 4.24 -3.97 17.94
CA TYR A 260 5.31 -3.67 17.00
C TYR A 260 5.27 -2.19 16.64
N LYS A 261 6.44 -1.59 16.50
CA LYS A 261 6.54 -0.36 15.71
C LYS A 261 6.66 -0.79 14.25
N VAL A 262 5.77 -0.28 13.41
CA VAL A 262 5.76 -0.63 11.99
C VAL A 262 6.80 0.24 11.29
N ARG A 263 7.91 -0.40 10.86
CA ARG A 263 8.97 0.33 10.16
C ARG A 263 8.68 0.48 8.67
N ASP A 264 7.97 -0.48 8.07
CA ASP A 264 7.59 -0.42 6.67
C ASP A 264 6.33 -1.25 6.43
N LEU A 265 5.47 -0.76 5.54
CA LEU A 265 4.35 -1.55 5.04
C LEU A 265 4.03 -1.10 3.62
N ARG A 266 4.16 -2.04 2.66
CA ARG A 266 4.03 -1.74 1.24
C ARG A 266 3.03 -2.70 0.61
N THR A 267 2.39 -2.28 -0.47
CA THR A 267 1.36 -3.07 -1.13
C THR A 267 1.69 -3.29 -2.61
N TYR A 268 1.40 -4.49 -3.09
CA TYR A 268 1.49 -4.86 -4.50
C TYR A 268 0.08 -5.16 -4.96
N ILE A 269 -0.40 -4.42 -5.95
CA ILE A 269 -1.72 -4.72 -6.51
C ILE A 269 -1.55 -5.81 -7.57
N MET A 270 -2.43 -6.79 -7.57
CA MET A 270 -2.23 -8.00 -8.36
C MET A 270 -2.66 -7.72 -9.80
N PRO A 271 -1.79 -7.88 -10.80
CA PRO A 271 -2.19 -7.57 -12.17
C PRO A 271 -3.14 -8.61 -12.70
N ALA A 272 -3.92 -8.19 -13.71
CA ALA A 272 -4.94 -9.06 -14.31
C ALA A 272 -4.40 -10.42 -14.69
N HIS A 273 -3.24 -10.45 -15.38
CA HIS A 273 -2.71 -11.69 -15.96
C HIS A 273 -2.12 -12.65 -14.94
N LEU A 274 -1.93 -12.20 -13.70
CA LEU A 274 -1.58 -13.09 -12.61
C LEU A 274 -2.82 -13.56 -11.84
N GLN A 275 -4.00 -13.03 -12.18
CA GLN A 275 -5.26 -13.50 -11.62
C GLN A 275 -5.68 -14.74 -12.40
N THR A 276 -5.17 -15.87 -11.96
CA THR A 276 -5.56 -17.15 -12.50
C THR A 276 -6.76 -17.65 -11.71
N GLY A 277 -7.16 -18.89 -11.96
CA GLY A 277 -8.29 -19.41 -11.20
C GLY A 277 -7.90 -20.13 -9.92
N VAL A 278 -6.76 -19.79 -9.32
CA VAL A 278 -6.29 -20.53 -8.15
C VAL A 278 -6.62 -19.83 -6.84
N ASP A 279 -7.14 -18.61 -6.89
CA ASP A 279 -7.50 -17.88 -5.68
C ASP A 279 -8.24 -16.62 -6.12
N ASP A 280 -8.57 -15.76 -5.15
CA ASP A 280 -9.11 -14.44 -5.42
C ASP A 280 -8.30 -13.36 -4.71
N VAL A 281 -7.00 -13.60 -4.54
CA VAL A 281 -6.12 -12.57 -3.99
C VAL A 281 -6.25 -11.32 -4.85
N LYS A 282 -6.34 -10.16 -4.18
CA LYS A 282 -6.37 -8.91 -4.91
C LYS A 282 -5.06 -8.13 -4.83
N GLY A 283 -4.26 -8.36 -3.79
CA GLY A 283 -2.95 -7.75 -3.67
C GLY A 283 -2.09 -8.56 -2.72
N VAL A 284 -0.88 -8.08 -2.50
CA VAL A 284 0.05 -8.69 -1.54
C VAL A 284 0.65 -7.55 -0.74
N PHE A 285 0.73 -7.71 0.59
CA PHE A 285 1.39 -6.73 1.43
C PHE A 285 2.72 -7.27 1.93
N PHE A 286 3.65 -6.36 2.23
CA PHE A 286 4.89 -6.64 2.93
C PHE A 286 4.97 -5.71 4.13
N ALA A 287 5.29 -6.27 5.30
CA ALA A 287 5.46 -5.52 6.53
C ALA A 287 6.81 -5.79 7.16
N TRP A 288 7.53 -4.72 7.49
CA TRP A 288 8.74 -4.73 8.33
C TRP A 288 8.38 -4.04 9.66
N ALA A 289 8.26 -4.84 10.73
CA ALA A 289 7.86 -4.34 12.04
C ALA A 289 8.87 -4.81 13.08
N GLN A 290 9.05 -3.97 14.10
CA GLN A 290 10.05 -4.17 15.14
C GLN A 290 9.40 -4.18 16.51
N LYS A 291 9.61 -5.26 17.27
CA LYS A 291 8.99 -5.43 18.58
C LYS A 291 9.49 -4.38 19.57
N VAL A 292 8.57 -3.89 20.39
CA VAL A 292 8.88 -2.78 21.27
C VAL A 292 8.78 -3.19 22.74
N ASP B 27 11.80 14.64 -24.91
CA ASP B 27 10.89 15.79 -24.85
C ASP B 27 9.43 15.34 -24.79
N SER B 28 8.60 16.11 -24.05
CA SER B 28 7.22 15.74 -23.71
C SER B 28 6.14 16.74 -24.08
N ALA B 29 6.48 17.99 -24.51
CA ALA B 29 5.53 19.07 -24.82
C ALA B 29 4.31 18.66 -25.64
N PRO B 30 4.44 17.75 -26.62
CA PRO B 30 3.22 17.25 -27.31
C PRO B 30 2.21 16.57 -26.40
N GLY B 31 2.63 15.59 -25.61
CA GLY B 31 1.69 14.90 -24.74
C GLY B 31 0.99 15.86 -23.78
N GLN B 32 1.72 16.86 -23.29
CA GLN B 32 1.09 17.85 -22.42
C GLN B 32 0.03 18.64 -23.18
N ALA B 33 0.19 18.80 -24.50
CA ALA B 33 -0.81 19.50 -25.28
C ALA B 33 -2.05 18.64 -25.51
N ALA B 34 -1.88 17.33 -25.62
CA ALA B 34 -3.05 16.47 -25.66
C ALA B 34 -3.81 16.54 -24.34
N VAL B 35 -3.07 16.63 -23.22
CA VAL B 35 -3.72 16.76 -21.92
C VAL B 35 -4.64 17.98 -21.92
N ALA B 36 -4.07 19.15 -22.21
CA ALA B 36 -4.85 20.38 -22.26
C ALA B 36 -6.09 20.20 -23.14
N SER B 37 -5.89 19.68 -24.35
CA SER B 37 -6.99 19.47 -25.30
C SER B 37 -8.10 18.61 -24.69
N ALA B 38 -7.74 17.45 -24.12
CA ALA B 38 -8.75 16.55 -23.56
C ALA B 38 -9.55 17.22 -22.45
N TYR B 39 -8.88 17.99 -21.59
CA TYR B 39 -9.58 18.59 -20.46
C TYR B 39 -10.53 19.68 -20.90
N GLN B 40 -10.40 20.18 -22.13
CA GLN B 40 -11.41 21.15 -22.54
C GLN B 40 -12.78 20.49 -22.80
N ARG B 41 -12.91 19.17 -22.56
CA ARG B 41 -14.20 18.48 -22.54
C ARG B 41 -14.57 18.01 -21.13
N PHE B 42 -13.69 18.24 -20.16
CA PHE B 42 -13.99 18.02 -18.74
C PHE B 42 -15.27 18.79 -18.37
N GLU B 43 -16.25 18.07 -17.87
CA GLU B 43 -17.51 18.69 -17.42
C GLU B 43 -17.66 18.58 -15.90
N PRO B 44 -17.59 19.70 -15.16
CA PRO B 44 -17.56 19.60 -13.68
C PRO B 44 -18.76 18.88 -13.07
N ARG B 45 -20.00 19.28 -13.40
CA ARG B 45 -21.17 18.62 -12.83
C ARG B 45 -21.18 17.12 -13.09
N ALA B 46 -20.83 16.69 -14.31
CA ALA B 46 -20.80 15.26 -14.57
C ALA B 46 -19.68 14.58 -13.79
N TYR B 47 -18.50 15.22 -13.72
CA TYR B 47 -17.40 14.70 -12.92
C TYR B 47 -17.84 14.42 -11.48
N LEU B 48 -18.44 15.42 -10.82
CA LEU B 48 -18.87 15.28 -9.43
C LEU B 48 -19.83 14.11 -9.25
N ARG B 49 -20.75 13.90 -10.19
CA ARG B 49 -21.71 12.82 -10.04
C ARG B 49 -21.04 11.44 -10.11
N ASN B 50 -20.12 11.25 -11.05
CA ASN B 50 -19.46 9.95 -11.21
C ASN B 50 -18.64 9.58 -9.99
N ASN B 51 -18.07 10.57 -9.28
CA ASN B 51 -17.08 10.29 -8.24
C ASN B 51 -17.46 10.72 -6.82
N TYR B 52 -18.50 11.56 -6.62
CA TYR B 52 -18.82 12.05 -5.28
C TYR B 52 -20.31 12.01 -4.91
N ALA B 53 -21.17 11.44 -5.76
CA ALA B 53 -22.48 10.93 -5.36
C ALA B 53 -22.44 9.39 -5.41
N PRO B 54 -23.34 8.72 -4.69
CA PRO B 54 -23.23 7.26 -4.59
C PRO B 54 -23.24 6.62 -5.96
N PRO B 55 -22.58 5.45 -6.12
CA PRO B 55 -21.94 4.58 -5.12
C PRO B 55 -20.52 4.98 -4.69
N ARG B 56 -19.77 5.62 -5.60
CA ARG B 56 -18.41 6.04 -5.26
C ARG B 56 -18.39 7.06 -4.13
N GLY B 57 -19.42 7.90 -4.06
CA GLY B 57 -19.47 8.91 -3.02
C GLY B 57 -20.28 8.46 -1.83
N ASP B 58 -20.35 7.16 -1.58
CA ASP B 58 -21.12 6.63 -0.48
C ASP B 58 -20.23 6.62 0.76
N LEU B 59 -20.55 7.47 1.73
CA LEU B 59 -19.76 7.55 2.93
C LEU B 59 -20.23 6.57 4.00
N CYS B 60 -21.29 5.82 3.72
CA CYS B 60 -21.82 4.89 4.70
C CYS B 60 -21.07 3.56 4.71
N ASN B 61 -20.69 3.07 3.52
CA ASN B 61 -19.81 1.92 3.38
C ASN B 61 -18.42 2.28 3.87
N PRO B 62 -18.00 1.79 5.04
CA PRO B 62 -16.74 2.31 5.64
C PRO B 62 -15.47 1.79 5.00
N ASN B 63 -15.53 0.79 4.12
CA ASN B 63 -14.38 0.40 3.32
C ASN B 63 -14.48 0.91 1.89
N GLY B 64 -15.42 1.82 1.63
CA GLY B 64 -15.42 2.59 0.42
C GLY B 64 -14.27 3.59 0.41
N VAL B 65 -14.10 4.24 -0.75
CA VAL B 65 -12.90 5.04 -0.99
C VAL B 65 -13.03 6.42 -0.39
N GLY B 66 -14.21 7.02 -0.43
CA GLY B 66 -14.44 8.30 0.23
C GLY B 66 -14.00 8.25 1.68
N PRO B 67 -14.58 7.32 2.45
CA PRO B 67 -14.16 7.21 3.88
C PRO B 67 -12.66 7.03 4.07
N TRP B 68 -12.01 6.28 3.18
CA TRP B 68 -10.59 6.00 3.31
C TRP B 68 -9.74 7.26 3.09
N LYS B 69 -10.06 8.05 2.06
CA LYS B 69 -9.30 9.29 1.86
C LYS B 69 -9.47 10.24 3.03
N LEU B 70 -10.70 10.40 3.53
CA LEU B 70 -10.94 11.27 4.68
C LEU B 70 -10.17 10.80 5.92
N ARG B 71 -10.18 9.48 6.18
CA ARG B 71 -9.41 8.95 7.32
C ARG B 71 -7.94 9.30 7.19
N CYS B 72 -7.36 9.15 5.99
CA CYS B 72 -5.94 9.44 5.79
C CYS B 72 -5.63 10.90 6.11
N LEU B 73 -6.45 11.83 5.60
CA LEU B 73 -6.23 13.25 5.86
C LEU B 73 -6.47 13.58 7.34
N ALA B 74 -7.55 13.08 7.92
CA ALA B 74 -7.88 13.43 9.31
C ALA B 74 -6.84 12.89 10.27
N GLN B 75 -6.37 11.66 10.04
CA GLN B 75 -5.31 11.12 10.89
C GLN B 75 -4.02 11.91 10.75
N THR B 76 -3.68 12.32 9.52
CA THR B 76 -2.41 13.02 9.32
C THR B 76 -2.42 14.35 10.05
N PHE B 77 -3.52 15.09 9.92
CA PHE B 77 -3.64 16.36 10.61
C PHE B 77 -3.73 16.17 12.12
N ALA B 78 -4.33 15.07 12.58
CA ALA B 78 -4.47 14.82 14.02
C ALA B 78 -3.13 14.62 14.73
N THR B 79 -2.04 14.37 13.99
CA THR B 79 -0.74 14.27 14.65
C THR B 79 -0.23 15.61 15.18
N GLY B 80 -0.76 16.74 14.67
CA GLY B 80 -0.23 18.05 14.97
C GLY B 80 1.03 18.43 14.20
N GLU B 81 1.60 17.52 13.43
CA GLU B 81 2.85 17.84 12.76
C GLU B 81 2.68 18.58 11.44
N VAL B 82 1.46 18.85 11.00
CA VAL B 82 1.24 19.57 9.75
C VAL B 82 0.42 20.80 10.07
N SER B 83 1.07 21.95 10.18
CA SER B 83 0.37 23.22 10.36
C SER B 83 1.29 24.35 9.93
N GLY B 84 0.77 25.57 9.99
CA GLY B 84 1.44 26.74 9.46
C GLY B 84 0.42 27.81 9.13
N ARG B 85 0.88 28.85 8.44
CA ARG B 85 -0.07 29.90 8.09
C ARG B 85 -0.72 29.60 6.74
N THR B 86 0.05 29.19 5.72
CA THR B 86 -0.43 29.08 4.34
C THR B 86 -0.44 27.65 3.83
N LEU B 87 -1.54 27.29 3.18
CA LEU B 87 -1.68 26.04 2.48
C LEU B 87 -2.06 26.32 1.03
N ILE B 88 -1.49 25.54 0.10
CA ILE B 88 -1.85 25.59 -1.31
C ILE B 88 -2.38 24.24 -1.75
N ASP B 89 -3.61 24.22 -2.27
CA ASP B 89 -4.23 23.04 -2.86
C ASP B 89 -3.97 23.03 -4.37
N ILE B 90 -3.44 21.92 -4.87
CA ILE B 90 -2.85 21.83 -6.21
C ILE B 90 -3.82 21.05 -7.10
N GLY B 91 -4.43 21.74 -8.05
CA GLY B 91 -5.37 21.06 -8.91
C GLY B 91 -6.63 20.65 -8.19
N SER B 92 -7.25 21.61 -7.50
CA SER B 92 -8.42 21.32 -6.67
C SER B 92 -9.55 20.69 -7.46
N GLY B 93 -9.68 21.04 -8.73
CA GLY B 93 -10.83 20.63 -9.49
C GLY B 93 -12.04 21.37 -8.97
N PRO B 94 -13.21 20.75 -9.07
CA PRO B 94 -14.42 21.35 -8.49
C PRO B 94 -14.72 20.76 -7.11
N THR B 95 -13.69 20.42 -6.33
CA THR B 95 -13.88 19.63 -5.12
C THR B 95 -13.22 20.30 -3.92
N VAL B 96 -13.77 20.00 -2.73
CA VAL B 96 -13.31 20.61 -1.49
C VAL B 96 -13.01 19.58 -0.40
N TYR B 97 -13.48 18.33 -0.50
CA TYR B 97 -13.27 17.34 0.56
C TYR B 97 -11.80 17.26 0.98
N GLN B 98 -10.88 17.48 0.05
CA GLN B 98 -9.49 17.27 0.40
C GLN B 98 -8.95 18.39 1.29
N LEU B 99 -9.77 19.39 1.63
CA LEU B 99 -9.39 20.45 2.56
C LEU B 99 -10.19 20.40 3.86
N LEU B 100 -11.05 19.41 4.05
CA LEU B 100 -12.01 19.47 5.14
C LEU B 100 -11.31 19.33 6.49
N SER B 101 -10.34 18.41 6.59
CA SER B 101 -9.58 18.29 7.83
C SER B 101 -8.48 19.33 7.90
N ALA B 102 -8.09 19.90 6.76
CA ALA B 102 -6.95 20.80 6.68
C ALA B 102 -7.25 22.22 7.16
N CYS B 103 -8.52 22.65 7.14
CA CYS B 103 -8.78 24.07 7.42
C CYS B 103 -8.71 24.40 8.90
N SER B 104 -8.88 23.40 9.79
CA SER B 104 -8.60 23.62 11.21
C SER B 104 -7.16 24.09 11.44
N HIS B 105 -6.23 23.84 10.50
CA HIS B 105 -4.80 23.98 10.78
C HIS B 105 -4.11 25.05 9.96
N PHE B 106 -4.77 25.63 8.96
CA PHE B 106 -4.16 26.63 8.10
C PHE B 106 -5.11 27.81 7.99
N GLU B 107 -4.60 29.00 8.28
CA GLU B 107 -5.44 30.20 8.26
C GLU B 107 -5.63 30.76 6.87
N ASP B 108 -4.73 30.42 5.94
CA ASP B 108 -4.72 30.96 4.58
C ASP B 108 -4.61 29.79 3.62
N ILE B 109 -5.68 29.52 2.88
CA ILE B 109 -5.74 28.41 1.95
C ILE B 109 -5.83 28.98 0.55
N THR B 110 -5.00 28.48 -0.35
CA THR B 110 -5.09 28.80 -1.77
C THR B 110 -5.64 27.59 -2.54
N MET B 111 -6.69 27.81 -3.32
CA MET B 111 -7.18 26.78 -4.24
C MET B 111 -6.77 27.11 -5.67
N THR B 112 -6.61 26.08 -6.49
CA THR B 112 -6.05 26.28 -7.82
C THR B 112 -6.66 25.27 -8.77
N ASP B 113 -6.90 25.69 -10.02
CA ASP B 113 -7.17 24.70 -11.06
C ASP B 113 -6.84 25.24 -12.43
N PHE B 114 -6.71 24.30 -13.38
CA PHE B 114 -6.35 24.64 -14.76
C PHE B 114 -7.53 25.22 -15.53
N LEU B 115 -8.75 24.75 -15.25
CA LEU B 115 -9.93 25.10 -16.00
C LEU B 115 -10.72 26.18 -15.26
N GLU B 116 -11.01 27.28 -15.96
CA GLU B 116 -11.91 28.29 -15.38
C GLU B 116 -13.26 27.71 -14.99
N VAL B 117 -13.80 26.74 -15.74
CA VAL B 117 -15.13 26.23 -15.39
C VAL B 117 -15.11 25.55 -14.03
N ASN B 118 -13.95 24.98 -13.65
CA ASN B 118 -13.79 24.37 -12.33
C ASN B 118 -13.68 25.45 -11.25
N ARG B 119 -12.86 26.48 -11.50
CA ARG B 119 -12.78 27.59 -10.55
C ARG B 119 -14.13 28.28 -10.37
N GLN B 120 -15.00 28.24 -11.39
CA GLN B 120 -16.36 28.74 -11.24
C GLN B 120 -17.20 27.80 -10.41
N GLU B 121 -17.03 26.49 -10.58
CA GLU B 121 -17.77 25.55 -9.74
C GLU B 121 -17.43 25.78 -8.26
N LEU B 122 -16.13 25.91 -7.93
CA LEU B 122 -15.71 26.33 -6.59
C LEU B 122 -16.37 27.64 -6.17
N GLY B 123 -16.30 28.66 -7.02
CA GLY B 123 -16.99 29.91 -6.74
C GLY B 123 -18.46 29.73 -6.42
N ARG B 124 -19.14 28.84 -7.13
CA ARG B 124 -20.55 28.57 -6.82
C ARG B 124 -20.70 28.09 -5.38
N TRP B 125 -19.75 27.31 -4.91
CA TRP B 125 -19.83 26.77 -3.57
C TRP B 125 -19.33 27.76 -2.53
N LEU B 126 -18.32 28.56 -2.86
CA LEU B 126 -17.83 29.52 -1.88
C LEU B 126 -18.92 30.52 -1.45
N GLN B 127 -19.77 30.93 -2.38
CA GLN B 127 -20.81 31.91 -2.07
C GLN B 127 -22.16 31.26 -1.75
N GLU B 128 -22.17 29.94 -1.50
CA GLU B 128 -23.34 29.24 -0.95
C GLU B 128 -24.53 29.26 -1.88
N GLU B 129 -24.28 29.37 -3.18
CA GLU B 129 -25.37 29.32 -4.14
C GLU B 129 -26.02 27.95 -4.13
N PRO B 130 -27.35 27.88 -4.15
CA PRO B 130 -27.99 26.61 -4.56
C PRO B 130 -27.65 26.31 -6.02
N GLY B 131 -27.65 25.03 -6.36
CA GLY B 131 -27.09 24.64 -7.62
C GLY B 131 -25.59 24.47 -7.60
N ALA B 132 -24.92 24.85 -6.51
CA ALA B 132 -23.59 24.38 -6.27
C ALA B 132 -23.66 23.01 -5.62
N PHE B 133 -22.62 22.22 -5.83
CA PHE B 133 -22.61 20.83 -5.35
C PHE B 133 -22.74 20.77 -3.83
N ASN B 134 -23.41 19.72 -3.34
CA ASN B 134 -23.64 19.54 -1.90
C ASN B 134 -22.59 18.62 -1.31
N TRP B 135 -21.61 19.21 -0.64
CA TRP B 135 -20.52 18.49 -0.01
C TRP B 135 -20.84 18.07 1.42
N SER B 136 -22.07 18.27 1.88
CA SER B 136 -22.30 18.17 3.32
C SER B 136 -22.23 16.73 3.81
N MET B 137 -22.43 15.73 2.94
CA MET B 137 -22.18 14.35 3.35
C MET B 137 -20.70 14.17 3.67
N TYR B 138 -19.84 14.87 2.95
CA TYR B 138 -18.40 14.81 3.19
C TYR B 138 -18.00 15.61 4.43
N SER B 139 -18.51 16.84 4.55
CA SER B 139 -18.38 17.60 5.80
C SER B 139 -18.83 16.78 7.01
N GLN B 140 -20.00 16.15 6.94
CA GLN B 140 -20.47 15.40 8.10
C GLN B 140 -19.51 14.25 8.41
N HIS B 141 -19.00 13.58 7.36
CA HIS B 141 -18.11 12.47 7.63
C HIS B 141 -16.80 12.94 8.24
N ALA B 142 -16.25 14.05 7.76
CA ALA B 142 -15.00 14.56 8.35
C ALA B 142 -15.18 14.89 9.83
N CYS B 143 -16.23 15.65 10.20
CA CYS B 143 -16.51 15.91 11.62
C CYS B 143 -16.64 14.63 12.41
N LEU B 144 -17.33 13.62 11.84
CA LEU B 144 -17.52 12.36 12.56
C LEU B 144 -16.20 11.67 12.82
N ILE B 145 -15.25 11.85 11.91
CA ILE B 145 -13.97 11.17 11.96
C ILE B 145 -13.01 11.92 12.87
N GLU B 146 -13.02 13.26 12.80
CA GLU B 146 -12.15 14.06 13.65
C GLU B 146 -12.52 13.94 15.12
N GLY B 147 -13.79 13.70 15.42
CA GLY B 147 -14.16 13.40 16.80
C GLY B 147 -13.99 14.55 17.77
N LYS B 148 -14.08 15.79 17.28
CA LYS B 148 -14.10 16.97 18.13
C LYS B 148 -15.53 17.47 18.35
N GLY B 149 -16.54 16.64 18.07
CA GLY B 149 -17.93 17.04 18.13
C GLY B 149 -18.36 18.28 17.34
N GLU B 150 -17.62 18.66 16.30
CA GLU B 150 -17.99 19.81 15.48
C GLU B 150 -19.17 19.46 14.56
N CYS B 151 -20.05 20.43 14.32
CA CYS B 151 -21.11 20.18 13.36
C CYS B 151 -20.66 20.57 11.96
N TRP B 152 -21.29 19.96 10.95
CA TRP B 152 -20.78 20.08 9.59
C TRP B 152 -20.95 21.49 9.02
N GLN B 153 -21.86 22.29 9.58
CA GLN B 153 -22.02 23.66 9.08
C GLN B 153 -20.93 24.59 9.61
N ASP B 154 -20.38 24.28 10.78
CA ASP B 154 -19.21 25.00 11.26
C ASP B 154 -17.99 24.68 10.41
N LYS B 155 -17.72 23.39 10.20
CA LYS B 155 -16.63 22.97 9.32
C LYS B 155 -16.70 23.72 7.98
N GLU B 156 -17.88 23.75 7.34
CA GLU B 156 -18.00 24.44 6.06
C GLU B 156 -17.77 25.94 6.19
N ARG B 157 -18.29 26.57 7.24
CA ARG B 157 -18.13 28.02 7.40
C ARG B 157 -16.68 28.38 7.62
N GLN B 158 -15.95 27.50 8.30
CA GLN B 158 -14.53 27.69 8.51
C GLN B 158 -13.73 27.49 7.21
N LEU B 159 -14.14 26.53 6.35
CA LEU B 159 -13.46 26.37 5.08
C LEU B 159 -13.74 27.56 4.15
N ARG B 160 -14.98 28.01 4.07
CA ARG B 160 -15.27 29.16 3.23
C ARG B 160 -14.51 30.39 3.70
N ALA B 161 -14.25 30.51 5.00
CA ALA B 161 -13.58 31.70 5.52
C ALA B 161 -12.09 31.68 5.23
N ARG B 162 -11.48 30.50 5.28
CA ARG B 162 -10.03 30.37 5.15
C ARG B 162 -9.56 30.10 3.71
N VAL B 163 -10.46 30.00 2.74
CA VAL B 163 -10.05 29.94 1.34
C VAL B 163 -9.90 31.39 0.87
N LYS B 164 -8.66 31.82 0.67
CA LYS B 164 -8.35 33.23 0.42
C LYS B 164 -8.26 33.59 -1.06
N ARG B 165 -8.16 32.60 -1.95
CA ARG B 165 -8.04 32.88 -3.37
C ARG B 165 -8.19 31.59 -4.14
N VAL B 166 -8.60 31.71 -5.40
CA VAL B 166 -8.76 30.57 -6.32
C VAL B 166 -8.08 30.98 -7.63
N LEU B 167 -6.86 30.46 -7.87
CA LEU B 167 -5.99 30.90 -8.94
C LEU B 167 -5.86 29.84 -10.04
N PRO B 168 -5.60 30.26 -11.28
CA PRO B 168 -5.23 29.29 -12.32
C PRO B 168 -3.91 28.63 -11.96
N ILE B 169 -3.79 27.34 -12.29
CA ILE B 169 -2.53 26.62 -12.12
C ILE B 169 -2.25 25.76 -13.35
N ASP B 170 -0.97 25.57 -13.64
CA ASP B 170 -0.53 24.61 -14.65
C ASP B 170 0.73 23.96 -14.13
N VAL B 171 0.65 22.69 -13.70
CA VAL B 171 1.80 22.04 -13.07
C VAL B 171 2.92 21.69 -14.05
N HIS B 172 2.70 21.79 -15.36
CA HIS B 172 3.81 21.52 -16.27
C HIS B 172 4.71 22.73 -16.46
N GLN B 173 4.29 23.93 -16.02
CA GLN B 173 5.18 25.07 -16.14
C GLN B 173 6.23 25.05 -15.03
N PRO B 174 7.39 25.65 -15.25
CA PRO B 174 8.39 25.72 -14.16
C PRO B 174 7.88 26.50 -12.97
N GLN B 175 7.17 27.61 -13.21
CA GLN B 175 6.42 28.30 -12.15
C GLN B 175 4.93 28.00 -12.32
N PRO B 176 4.37 27.06 -11.57
CA PRO B 176 3.00 26.58 -11.89
C PRO B 176 1.90 27.63 -11.71
N LEU B 177 2.09 28.66 -10.89
CA LEU B 177 1.11 29.72 -10.71
C LEU B 177 1.39 30.93 -11.61
N GLY B 178 2.46 30.87 -12.42
CA GLY B 178 2.95 32.03 -13.14
C GLY B 178 3.80 32.91 -12.24
N ALA B 179 4.40 33.93 -12.85
CA ALA B 179 5.35 34.79 -12.15
C ALA B 179 4.64 35.78 -11.22
N GLY B 180 5.19 35.96 -10.02
CA GLY B 180 4.67 36.88 -9.02
C GLY B 180 3.19 36.77 -8.74
N SER B 181 2.64 35.56 -8.81
CA SER B 181 1.22 35.34 -8.59
C SER B 181 0.78 35.85 -7.21
N PRO B 182 -0.51 36.01 -7.00
CA PRO B 182 -1.01 36.43 -5.67
C PRO B 182 -0.60 35.52 -4.52
N ALA B 183 -0.22 34.28 -4.79
CA ALA B 183 -0.15 33.29 -3.74
C ALA B 183 0.94 33.65 -2.74
N PRO B 184 0.68 33.51 -1.42
CA PRO B 184 1.76 33.67 -0.45
C PRO B 184 2.81 32.59 -0.64
N LEU B 185 3.97 32.96 -1.16
CA LEU B 185 4.98 31.96 -1.36
C LEU B 185 6.19 32.27 -0.48
N PRO B 186 6.83 31.25 0.12
CA PRO B 186 6.51 29.83 -0.09
C PRO B 186 5.53 29.26 0.94
N ALA B 187 4.70 28.31 0.52
CA ALA B 187 3.66 27.77 1.38
C ALA B 187 4.25 26.84 2.45
N ASP B 188 3.51 26.72 3.56
CA ASP B 188 3.89 25.79 4.61
C ASP B 188 3.47 24.35 4.29
N ALA B 189 2.36 24.16 3.59
CA ALA B 189 2.02 22.81 3.15
C ALA B 189 1.36 22.84 1.78
N LEU B 190 1.40 21.68 1.13
CA LEU B 190 0.71 21.45 -0.12
C LEU B 190 -0.24 20.26 0.03
N VAL B 191 -1.40 20.38 -0.59
CA VAL B 191 -2.35 19.28 -0.75
C VAL B 191 -2.65 19.12 -2.23
N SER B 192 -2.83 17.88 -2.69
CA SER B 192 -3.06 17.61 -4.10
C SER B 192 -3.80 16.28 -4.20
N ALA B 193 -5.04 16.31 -4.65
CA ALA B 193 -5.79 15.09 -4.82
C ALA B 193 -5.94 14.82 -6.31
N PHE B 194 -5.29 13.74 -6.79
CA PHE B 194 -5.49 13.20 -8.14
C PHE B 194 -5.09 14.19 -9.24
N CYS B 195 -4.09 15.02 -9.02
CA CYS B 195 -3.71 15.93 -10.07
C CYS B 195 -2.54 15.37 -10.89
N LEU B 196 -1.39 15.17 -10.24
CA LEU B 196 -0.15 14.93 -10.96
C LEU B 196 -0.26 13.74 -11.93
N GLU B 197 -0.74 12.59 -11.48
CA GLU B 197 -0.77 11.44 -12.35
C GLU B 197 -1.90 11.51 -13.38
N ALA B 198 -2.93 12.32 -13.15
CA ALA B 198 -4.03 12.43 -14.10
C ALA B 198 -3.79 13.46 -15.22
N VAL B 199 -2.67 14.19 -15.21
CA VAL B 199 -2.45 15.23 -16.21
C VAL B 199 -1.07 15.07 -16.83
N SER B 200 -0.41 13.96 -16.54
CA SER B 200 0.97 13.73 -16.96
C SER B 200 1.03 12.64 -18.04
N PRO B 201 1.48 12.96 -19.25
CA PRO B 201 1.49 11.93 -20.33
C PRO B 201 2.40 10.75 -20.06
N ASP B 202 3.59 10.98 -19.50
CA ASP B 202 4.51 9.89 -19.16
C ASP B 202 5.03 10.11 -17.74
N LEU B 203 5.84 9.16 -17.28
CA LEU B 203 6.44 9.23 -15.94
C LEU B 203 7.44 10.36 -15.80
N ALA B 204 7.98 10.86 -16.91
CA ALA B 204 9.00 11.91 -16.81
C ALA B 204 8.37 13.27 -16.53
N SER B 205 7.23 13.57 -17.17
CA SER B 205 6.56 14.83 -16.87
C SER B 205 5.91 14.80 -15.48
N PHE B 206 5.43 13.62 -15.06
CA PHE B 206 4.99 13.44 -13.68
C PHE B 206 6.06 13.87 -12.69
N GLN B 207 7.29 13.35 -12.86
CA GLN B 207 8.39 13.79 -12.02
C GLN B 207 8.61 15.29 -12.14
N ARG B 208 8.60 15.82 -13.36
CA ARG B 208 8.83 17.24 -13.54
C ARG B 208 7.72 18.05 -12.88
N ALA B 209 6.48 17.53 -12.94
CA ALA B 209 5.37 18.25 -12.34
C ALA B 209 5.49 18.23 -10.81
N LEU B 210 5.91 17.09 -10.23
CA LEU B 210 6.25 17.07 -8.81
C LEU B 210 7.29 18.15 -8.48
N ASP B 211 8.39 18.20 -9.24
CA ASP B 211 9.45 19.19 -8.94
C ASP B 211 8.95 20.62 -9.06
N HIS B 212 8.01 20.89 -9.98
CA HIS B 212 7.53 22.28 -10.12
C HIS B 212 6.69 22.70 -8.92
N ILE B 213 5.79 21.83 -8.45
CA ILE B 213 4.93 22.23 -7.32
C ILE B 213 5.74 22.30 -6.04
N THR B 214 6.83 21.51 -5.91
CA THR B 214 7.65 21.60 -4.71
C THR B 214 8.46 22.90 -4.63
N THR B 215 8.54 23.67 -5.72
CA THR B 215 9.11 25.02 -5.61
C THR B 215 8.18 25.98 -4.89
N LEU B 216 6.91 25.60 -4.65
CA LEU B 216 5.98 26.45 -3.92
C LEU B 216 5.98 26.16 -2.43
N LEU B 217 6.56 25.03 -2.03
CA LEU B 217 6.54 24.55 -0.66
C LEU B 217 7.85 24.92 0.01
N ARG B 218 7.77 25.53 1.19
CA ARG B 218 8.97 25.94 1.92
C ARG B 218 9.74 24.71 2.39
N PRO B 219 11.06 24.82 2.55
CA PRO B 219 11.83 23.68 3.10
C PRO B 219 11.34 23.29 4.48
N GLY B 220 11.20 21.98 4.71
CA GLY B 220 10.61 21.50 5.94
C GLY B 220 9.09 21.41 5.92
N GLY B 221 8.42 21.99 4.91
CA GLY B 221 6.97 21.86 4.82
C GLY B 221 6.54 20.46 4.41
N HIS B 222 5.24 20.21 4.55
CA HIS B 222 4.70 18.89 4.26
C HIS B 222 3.88 18.90 2.97
N LEU B 223 3.87 17.73 2.31
CA LEU B 223 3.07 17.48 1.11
C LEU B 223 2.14 16.31 1.39
N LEU B 224 0.85 16.49 1.10
CA LEU B 224 -0.14 15.43 1.18
C LEU B 224 -0.62 15.14 -0.24
N LEU B 225 -0.36 13.93 -0.71
CA LEU B 225 -0.67 13.53 -2.08
C LEU B 225 -1.64 12.37 -2.04
N ILE B 226 -2.79 12.52 -2.70
CA ILE B 226 -3.74 11.44 -2.98
C ILE B 226 -3.74 11.21 -4.49
N GLY B 227 -3.81 9.96 -4.92
CA GLY B 227 -3.76 9.72 -6.36
C GLY B 227 -4.22 8.33 -6.73
N ALA B 228 -4.52 8.17 -8.02
CA ALA B 228 -4.89 6.87 -8.56
C ALA B 228 -3.65 6.01 -8.83
N LEU B 229 -3.78 4.70 -8.55
CA LEU B 229 -2.74 3.73 -8.87
C LEU B 229 -3.14 2.91 -10.09
N GLU B 230 -2.24 2.85 -11.08
CA GLU B 230 -2.33 1.91 -12.20
C GLU B 230 -3.60 2.09 -13.00
N GLU B 231 -3.89 3.34 -13.34
CA GLU B 231 -5.07 3.67 -14.13
C GLU B 231 -4.64 4.29 -15.45
N SER B 232 -5.43 4.05 -16.52
CA SER B 232 -5.11 4.57 -17.86
C SER B 232 -6.23 5.36 -18.53
N TRP B 233 -7.47 5.33 -18.01
CA TRP B 233 -8.55 6.16 -18.50
C TRP B 233 -9.60 6.33 -17.40
N TYR B 234 -10.29 7.47 -17.43
CA TYR B 234 -11.43 7.67 -16.55
C TYR B 234 -12.46 8.53 -17.29
N LEU B 235 -13.64 8.65 -16.68
CA LEU B 235 -14.73 9.43 -17.25
C LEU B 235 -14.96 10.69 -16.43
N ALA B 236 -14.82 11.85 -17.08
CA ALA B 236 -15.20 13.14 -16.51
C ALA B 236 -16.32 13.79 -17.31
N GLY B 237 -17.37 13.02 -17.60
CA GLY B 237 -18.55 13.54 -18.26
C GLY B 237 -18.71 13.10 -19.70
N GLU B 238 -18.71 11.77 -19.90
CA GLU B 238 -18.44 11.17 -21.20
C GLU B 238 -17.29 11.89 -21.88
N ALA B 239 -16.27 12.21 -21.07
CA ALA B 239 -14.92 12.53 -21.52
C ALA B 239 -14.08 11.31 -21.16
N ARG B 240 -13.59 10.58 -22.17
CA ARG B 240 -12.66 9.47 -21.94
C ARG B 240 -11.25 10.04 -21.99
N LEU B 241 -10.79 10.47 -20.82
CA LEU B 241 -9.47 11.07 -20.65
C LEU B 241 -8.50 9.95 -20.28
N THR B 242 -7.34 9.92 -20.95
CA THR B 242 -6.39 8.83 -20.81
C THR B 242 -5.12 9.32 -20.11
N VAL B 243 -4.80 8.67 -18.97
CA VAL B 243 -3.68 9.08 -18.09
C VAL B 243 -2.56 8.01 -18.14
N VAL B 244 -1.38 8.38 -17.63
CA VAL B 244 -0.29 7.40 -17.43
C VAL B 244 -0.53 6.64 -16.13
N PRO B 245 -0.51 5.30 -16.13
CA PRO B 245 -0.58 4.59 -14.86
C PRO B 245 0.73 4.73 -14.10
N VAL B 246 0.62 4.93 -12.79
CA VAL B 246 1.75 4.90 -11.88
C VAL B 246 1.45 3.85 -10.81
N SER B 247 2.48 3.50 -10.04
CA SER B 247 2.36 2.51 -8.99
C SER B 247 2.88 3.12 -7.69
N GLU B 248 2.69 2.39 -6.58
CA GLU B 248 3.15 2.87 -5.28
C GLU B 248 4.65 3.16 -5.30
N GLU B 249 5.45 2.23 -5.81
CA GLU B 249 6.90 2.37 -5.72
C GLU B 249 7.42 3.41 -6.70
N GLU B 250 6.74 3.60 -7.84
CA GLU B 250 7.01 4.77 -8.69
C GLU B 250 6.75 6.07 -7.93
N VAL B 251 5.66 6.12 -7.13
CA VAL B 251 5.35 7.35 -6.40
C VAL B 251 6.38 7.61 -5.30
N ARG B 252 6.77 6.57 -4.56
CA ARG B 252 7.81 6.76 -3.54
C ARG B 252 9.11 7.25 -4.15
N GLU B 253 9.56 6.63 -5.23
CA GLU B 253 10.85 7.01 -5.76
C GLU B 253 10.80 8.44 -6.31
N ALA B 254 9.66 8.85 -6.85
CA ALA B 254 9.54 10.23 -7.31
C ALA B 254 9.53 11.22 -6.15
N LEU B 255 8.98 10.84 -4.99
CA LEU B 255 8.97 11.78 -3.87
C LEU B 255 10.38 11.99 -3.35
N VAL B 256 11.17 10.91 -3.22
CA VAL B 256 12.55 11.08 -2.76
C VAL B 256 13.37 11.81 -3.82
N ARG B 257 13.14 11.52 -5.11
CA ARG B 257 13.84 12.21 -6.19
C ARG B 257 13.58 13.72 -6.22
N SER B 258 12.63 14.21 -5.44
CA SER B 258 12.28 15.63 -5.42
C SER B 258 12.77 16.38 -4.19
N GLY B 259 13.33 15.69 -3.22
CA GLY B 259 13.80 16.32 -2.00
C GLY B 259 12.97 16.05 -0.78
N TYR B 260 12.13 15.02 -0.80
CA TYR B 260 11.24 14.63 0.28
C TYR B 260 11.74 13.38 0.97
N LYS B 261 11.58 13.35 2.29
CA LYS B 261 11.50 12.10 3.02
C LYS B 261 10.03 11.70 3.11
N VAL B 262 9.75 10.44 2.82
CA VAL B 262 8.40 9.91 2.80
C VAL B 262 8.06 9.48 4.22
N ARG B 263 7.02 10.09 4.81
CA ARG B 263 6.58 9.73 6.16
C ARG B 263 5.49 8.67 6.17
N ASP B 264 4.72 8.56 5.10
CA ASP B 264 3.64 7.59 5.04
C ASP B 264 3.30 7.36 3.58
N LEU B 265 3.03 6.12 3.22
CA LEU B 265 2.63 5.77 1.86
C LEU B 265 1.66 4.61 2.01
N ARG B 266 0.37 4.91 1.89
CA ARG B 266 -0.69 3.94 2.12
C ARG B 266 -1.38 3.65 0.80
N THR B 267 -1.94 2.44 0.69
CA THR B 267 -2.59 2.00 -0.54
C THR B 267 -4.00 1.51 -0.24
N TYR B 268 -4.93 1.96 -1.07
CA TYR B 268 -6.30 1.46 -1.05
C TYR B 268 -6.53 0.68 -2.33
N ILE B 269 -6.91 -0.59 -2.20
CA ILE B 269 -7.22 -1.43 -3.35
C ILE B 269 -8.68 -1.24 -3.69
N MET B 270 -8.94 -0.68 -4.88
CA MET B 270 -10.29 -0.45 -5.35
C MET B 270 -11.07 -1.77 -5.37
N PRO B 271 -12.15 -1.89 -4.58
CA PRO B 271 -12.88 -3.16 -4.53
C PRO B 271 -13.69 -3.39 -5.80
N ALA B 272 -13.92 -4.66 -6.12
CA ALA B 272 -14.82 -5.05 -7.19
C ALA B 272 -16.24 -4.99 -6.63
N HIS B 273 -16.89 -3.84 -6.83
CA HIS B 273 -18.29 -3.54 -6.52
C HIS B 273 -18.39 -2.02 -6.49
N LEU B 274 -17.27 -1.38 -6.22
CA LEU B 274 -17.04 0.01 -6.56
C LEU B 274 -16.37 0.15 -7.91
N GLN B 275 -15.90 -0.96 -8.48
CA GLN B 275 -15.27 -0.97 -9.80
C GLN B 275 -16.40 -1.03 -10.80
N THR B 276 -16.87 0.17 -11.16
CA THR B 276 -17.89 0.37 -12.18
C THR B 276 -17.22 0.97 -13.42
N GLY B 277 -18.02 1.27 -14.44
CA GLY B 277 -17.52 1.77 -15.71
C GLY B 277 -16.98 3.18 -15.70
N VAL B 278 -16.83 3.77 -14.52
CA VAL B 278 -16.33 5.14 -14.42
C VAL B 278 -14.89 5.24 -14.93
N ASP B 279 -14.02 4.32 -14.50
CA ASP B 279 -12.59 4.33 -14.85
C ASP B 279 -12.07 2.89 -14.86
N ASP B 280 -10.75 2.74 -14.99
CA ASP B 280 -10.11 1.43 -14.82
C ASP B 280 -9.15 1.43 -13.63
N VAL B 281 -9.33 2.37 -12.68
CA VAL B 281 -8.41 2.52 -11.57
C VAL B 281 -8.39 1.23 -10.76
N LYS B 282 -7.19 0.83 -10.30
CA LYS B 282 -7.06 -0.38 -9.51
C LYS B 282 -6.87 -0.11 -8.02
N GLY B 283 -6.44 1.09 -7.67
CA GLY B 283 -6.41 1.51 -6.29
C GLY B 283 -6.01 2.97 -6.18
N VAL B 284 -5.93 3.43 -4.93
CA VAL B 284 -5.65 4.83 -4.59
C VAL B 284 -4.52 4.87 -3.57
N PHE B 285 -3.66 5.87 -3.67
CA PHE B 285 -2.56 6.01 -2.73
C PHE B 285 -2.67 7.32 -1.97
N PHE B 286 -2.14 7.29 -0.75
CA PHE B 286 -1.95 8.48 0.08
C PHE B 286 -0.47 8.62 0.44
N ALA B 287 0.09 9.78 0.16
CA ALA B 287 1.46 10.08 0.53
C ALA B 287 1.50 11.29 1.45
N TRP B 288 2.14 11.13 2.59
CA TRP B 288 2.60 12.24 3.44
C TRP B 288 4.12 12.27 3.33
N ALA B 289 4.65 13.34 2.75
CA ALA B 289 6.08 13.54 2.59
C ALA B 289 6.42 14.94 3.09
N GLN B 290 7.69 15.11 3.45
CA GLN B 290 8.20 16.34 4.04
C GLN B 290 9.46 16.73 3.31
N LYS B 291 9.57 18.01 2.97
CA LYS B 291 10.64 18.49 2.10
C LYS B 291 11.88 18.84 2.91
N VAL B 292 13.04 18.32 2.50
CA VAL B 292 14.29 18.60 3.19
C VAL B 292 15.03 19.79 2.59
#